data_1D7X
#
_entry.id   1D7X
#
_cell.length_a   37.85
_cell.length_b   78.22
_cell.length_c   104.74
_cell.angle_alpha   90
_cell.angle_beta   90
_cell.angle_gamma   90
#
_symmetry.space_group_name_H-M   'P 21 21 21'
#
loop_
_entity.id
_entity.type
_entity.pdbx_description
1 polymer 'STROMELYSIN-1 PRECURSOR'
2 non-polymer 'ZINC ION'
3 non-polymer 'CALCIUM ION'
4 non-polymer 'N-HYDROXY 1N(4-METHOXYPHENYL)SULFONYL-4-(Z,E-N-METHOXYIMINO)PYRROLIDINE-2R-CARBOXAMIDE'
5 water water
#
_entity_poly.entity_id   1
_entity_poly.type   'polypeptide(L)'
_entity_poly.pdbx_seq_one_letter_code
;FRTFPGIPKWRKTHLTYRIVNYTPDLPKDAVDSAVEKALKVWEEVTPLTFSRLYEGEADIMISFAVREHGDFYPFDGPGN
VLAHAYAPGPGINGDAHFDDDEQWTKDTTGTNLFLVAAHEIGHSLGLFHSANTEALMYPLYHSLTDLTRFRLSQDDINGI
QSLYGPPPDSPET
;
_entity_poly.pdbx_strand_id   A,B
#
# COMPACT_ATOMS: atom_id res chain seq x y z
N PHE A 1 -2.21 -15.91 -1.85
CA PHE A 1 -2.66 -15.02 -0.73
C PHE A 1 -1.51 -14.17 -0.22
N ARG A 2 -1.82 -13.09 0.46
CA ARG A 2 -0.78 -12.23 0.96
C ARG A 2 -1.02 -11.85 2.44
N THR A 3 -0.11 -12.28 3.29
CA THR A 3 -0.13 -12.02 4.73
C THR A 3 1.26 -11.45 5.01
N PHE A 4 1.46 -10.90 6.19
CA PHE A 4 2.79 -10.30 6.46
C PHE A 4 3.10 -10.56 7.94
N PRO A 5 3.66 -11.73 8.18
CA PRO A 5 3.82 -12.28 9.54
C PRO A 5 4.69 -11.40 10.46
N GLY A 6 5.06 -10.15 10.06
CA GLY A 6 5.37 -9.13 11.05
C GLY A 6 4.06 -8.65 11.71
N ILE A 7 3.18 -8.07 10.88
CA ILE A 7 1.92 -7.53 11.39
C ILE A 7 1.14 -8.52 12.25
N PRO A 8 0.82 -8.10 13.47
CA PRO A 8 0.08 -9.01 14.34
C PRO A 8 -1.30 -9.39 13.80
N LYS A 9 -1.67 -10.62 14.12
CA LYS A 9 -2.98 -11.16 13.78
C LYS A 9 -3.66 -11.05 15.12
N TRP A 10 -4.94 -11.42 15.20
CA TRP A 10 -5.63 -11.32 16.49
C TRP A 10 -5.02 -12.37 17.46
N ARG A 11 -4.82 -12.00 18.73
CA ARG A 11 -4.22 -12.96 19.67
C ARG A 11 -5.27 -13.86 20.32
N LYS A 12 -6.52 -13.66 19.95
CA LYS A 12 -7.60 -14.45 20.50
C LYS A 12 -8.46 -15.00 19.38
N THR A 13 -9.25 -16.00 19.73
CA THR A 13 -10.13 -16.67 18.79
C THR A 13 -11.55 -16.13 18.77
N HIS A 14 -11.96 -15.49 19.87
CA HIS A 14 -13.30 -14.91 19.90
C HIS A 14 -13.22 -13.40 19.71
N LEU A 15 -13.84 -12.92 18.64
CA LEU A 15 -13.83 -11.51 18.28
C LEU A 15 -15.20 -10.85 18.41
N THR A 16 -15.24 -9.56 18.72
CA THR A 16 -16.54 -8.88 18.81
C THR A 16 -16.75 -7.94 17.64
N TYR A 17 -18.01 -7.76 17.27
CA TYR A 17 -18.33 -6.84 16.19
C TYR A 17 -19.55 -6.02 16.58
N ARG A 18 -19.61 -4.80 16.05
CA ARG A 18 -20.70 -3.90 16.34
C ARG A 18 -21.06 -3.07 15.10
N ILE A 19 -22.32 -3.09 14.70
CA ILE A 19 -22.76 -2.33 13.52
C ILE A 19 -23.13 -0.93 14.06
N VAL A 20 -22.22 0.02 13.87
CA VAL A 20 -22.37 1.38 14.40
C VAL A 20 -23.45 2.28 13.77
N ASN A 21 -23.78 2.06 12.51
CA ASN A 21 -24.81 2.86 11.86
C ASN A 21 -25.33 2.10 10.65
N TYR A 22 -26.42 2.59 10.07
CA TYR A 22 -27.06 1.93 8.94
C TYR A 22 -27.23 2.82 7.72
N THR A 23 -27.05 2.23 6.55
CA THR A 23 -27.19 2.92 5.28
C THR A 23 -28.67 3.11 4.94
N PRO A 24 -29.00 4.25 4.31
CA PRO A 24 -30.40 4.48 3.95
C PRO A 24 -30.77 3.58 2.78
N ASP A 25 -29.73 3.06 2.11
CA ASP A 25 -29.94 2.20 0.94
C ASP A 25 -30.69 0.90 1.19
N LEU A 26 -30.54 0.38 2.40
CA LEU A 26 -31.13 -0.92 2.69
C LEU A 26 -31.87 -1.01 4.00
N PRO A 27 -32.71 -2.04 4.13
CA PRO A 27 -33.48 -2.25 5.37
C PRO A 27 -32.43 -2.73 6.36
N LYS A 28 -32.51 -2.29 7.62
CA LYS A 28 -31.55 -2.71 8.63
C LYS A 28 -31.38 -4.25 8.67
N ASP A 29 -32.45 -5.03 8.44
CA ASP A 29 -32.32 -6.49 8.46
C ASP A 29 -31.31 -7.01 7.44
N ALA A 30 -31.20 -6.35 6.28
CA ALA A 30 -30.27 -6.82 5.26
C ALA A 30 -28.79 -6.54 5.59
N VAL A 31 -28.55 -5.42 6.26
CA VAL A 31 -27.20 -5.03 6.67
C VAL A 31 -26.73 -6.07 7.67
N ASP A 32 -27.61 -6.37 8.62
CA ASP A 32 -27.33 -7.36 9.65
C ASP A 32 -27.04 -8.73 9.04
N SER A 33 -27.86 -9.14 8.08
CA SER A 33 -27.64 -10.42 7.42
C SER A 33 -26.35 -10.45 6.64
N ALA A 34 -26.11 -9.42 5.82
CA ALA A 34 -24.88 -9.35 5.01
C ALA A 34 -23.62 -9.48 5.88
N VAL A 35 -23.61 -8.76 6.99
CA VAL A 35 -22.50 -8.78 7.94
C VAL A 35 -22.37 -10.17 8.56
N GLU A 36 -23.50 -10.72 9.03
CA GLU A 36 -23.53 -12.06 9.61
C GLU A 36 -22.97 -13.09 8.62
N LYS A 37 -23.44 -13.03 7.37
CA LYS A 37 -23.00 -13.96 6.33
C LYS A 37 -21.51 -13.78 6.05
N ALA A 38 -21.05 -12.53 6.05
CA ALA A 38 -19.63 -12.24 5.76
C ALA A 38 -18.76 -12.81 6.87
N LEU A 39 -19.22 -12.71 8.11
CA LEU A 39 -18.46 -13.25 9.24
C LEU A 39 -18.43 -14.77 9.17
N LYS A 40 -19.57 -15.38 8.81
CA LYS A 40 -19.64 -16.84 8.71
C LYS A 40 -18.69 -17.42 7.66
N VAL A 41 -18.51 -16.73 6.54
CA VAL A 41 -17.59 -17.23 5.52
C VAL A 41 -16.22 -17.52 6.16
N TRP A 42 -15.84 -16.70 7.14
CA TRP A 42 -14.56 -16.91 7.78
C TRP A 42 -14.61 -17.86 9.00
N GLU A 43 -15.67 -17.80 9.83
CA GLU A 43 -15.75 -18.72 10.98
C GLU A 43 -15.68 -20.16 10.46
N GLU A 44 -16.29 -20.41 9.31
CA GLU A 44 -16.36 -21.74 8.71
C GLU A 44 -15.09 -22.53 8.45
N VAL A 45 -14.04 -21.80 8.14
CA VAL A 45 -12.77 -22.44 7.80
C VAL A 45 -11.63 -22.07 8.76
N THR A 46 -11.99 -21.70 9.99
CA THR A 46 -11.02 -21.31 11.02
C THR A 46 -11.65 -21.56 12.38
N PRO A 47 -10.92 -21.35 13.47
CA PRO A 47 -11.59 -21.60 14.75
C PRO A 47 -12.10 -20.27 15.35
N LEU A 48 -12.24 -19.26 14.50
CA LEU A 48 -12.73 -17.93 14.94
C LEU A 48 -14.21 -17.92 15.17
N THR A 49 -14.64 -17.30 16.25
CA THR A 49 -16.06 -17.20 16.56
C THR A 49 -16.32 -15.72 16.76
N PHE A 50 -17.56 -15.30 16.59
CA PHE A 50 -17.91 -13.89 16.70
C PHE A 50 -19.17 -13.63 17.51
N SER A 51 -19.21 -12.51 18.19
CA SER A 51 -20.42 -12.14 18.92
C SER A 51 -20.61 -10.64 18.70
N ARG A 52 -21.86 -10.21 18.70
CA ARG A 52 -22.22 -8.84 18.44
C ARG A 52 -22.40 -8.01 19.71
N LEU A 53 -22.05 -6.73 19.63
CA LEU A 53 -22.20 -5.84 20.77
C LEU A 53 -23.02 -4.66 20.27
N TYR A 54 -23.65 -3.93 21.17
CA TYR A 54 -24.48 -2.79 20.80
C TYR A 54 -24.01 -1.52 21.50
N GLU A 55 -22.94 -1.65 22.27
CA GLU A 55 -22.42 -0.51 22.98
C GLU A 55 -20.96 -0.82 23.27
N GLY A 56 -20.17 0.20 23.54
CA GLY A 56 -18.76 -0.04 23.73
C GLY A 56 -18.01 -0.30 22.44
N GLU A 57 -16.73 -0.56 22.58
CA GLU A 57 -15.88 -0.83 21.45
C GLU A 57 -15.72 -2.31 21.15
N ALA A 58 -16.30 -2.76 20.05
CA ALA A 58 -16.15 -4.14 19.66
C ALA A 58 -14.83 -4.19 18.89
N ASP A 59 -14.21 -5.34 18.82
CA ASP A 59 -12.95 -5.47 18.08
C ASP A 59 -13.10 -4.93 16.67
N ILE A 60 -14.14 -5.37 15.99
CA ILE A 60 -14.45 -4.97 14.62
C ILE A 60 -15.65 -4.00 14.58
N MET A 61 -15.37 -2.70 14.52
CA MET A 61 -16.42 -1.69 14.47
C MET A 61 -16.76 -1.49 13.01
N ILE A 62 -18.03 -1.71 12.68
CA ILE A 62 -18.52 -1.63 11.32
C ILE A 62 -19.35 -0.35 11.11
N SER A 63 -19.04 0.45 10.09
CA SER A 63 -19.79 1.69 9.84
C SER A 63 -19.85 2.14 8.38
N PHE A 64 -20.83 2.97 8.08
CA PHE A 64 -21.00 3.52 6.75
C PHE A 64 -20.54 4.93 6.89
N ALA A 65 -19.85 5.43 5.85
CA ALA A 65 -19.34 6.77 5.90
C ALA A 65 -19.24 7.35 4.51
N VAL A 66 -18.99 8.66 4.47
CA VAL A 66 -18.85 9.38 3.22
C VAL A 66 -17.69 10.34 3.34
N ARG A 67 -16.91 10.52 2.26
CA ARG A 67 -15.81 11.46 2.31
C ARG A 67 -15.00 11.41 3.62
N GLU A 68 -14.82 12.55 4.28
CA GLU A 68 -14.07 12.54 5.53
C GLU A 68 -14.99 11.97 6.59
N HIS A 69 -14.46 11.07 7.39
CA HIS A 69 -15.25 10.45 8.41
C HIS A 69 -14.47 10.06 9.65
N GLY A 70 -13.50 10.87 10.05
CA GLY A 70 -12.84 10.61 11.31
C GLY A 70 -11.58 9.77 11.25
N ASP A 71 -11.10 9.46 10.05
CA ASP A 71 -9.85 8.73 9.95
C ASP A 71 -8.98 9.42 8.93
N PHE A 72 -7.80 8.91 8.63
CA PHE A 72 -6.96 9.62 7.68
C PHE A 72 -7.19 9.25 6.23
N TYR A 73 -8.22 8.45 5.95
CA TYR A 73 -8.48 8.03 4.58
C TYR A 73 -9.89 8.33 4.12
N PRO A 74 -10.16 9.57 3.71
CA PRO A 74 -11.49 9.95 3.26
C PRO A 74 -11.95 9.12 2.06
N PHE A 75 -13.24 8.81 2.02
CA PHE A 75 -13.77 8.09 0.90
C PHE A 75 -13.81 9.04 -0.30
N ASP A 76 -14.08 8.50 -1.47
CA ASP A 76 -14.04 9.25 -2.73
C ASP A 76 -15.29 9.43 -3.54
N GLY A 77 -16.46 9.62 -2.95
CA GLY A 77 -17.66 9.70 -3.78
C GLY A 77 -18.01 8.38 -4.45
N PRO A 78 -18.87 8.42 -5.48
CA PRO A 78 -19.34 7.26 -6.26
C PRO A 78 -18.29 6.38 -6.89
N GLY A 79 -18.46 5.07 -6.72
CA GLY A 79 -17.51 4.14 -7.32
C GLY A 79 -16.13 4.08 -6.70
N ASN A 80 -15.23 3.43 -7.43
CA ASN A 80 -13.85 3.29 -7.03
C ASN A 80 -13.78 2.66 -5.62
N VAL A 81 -13.09 3.28 -4.66
CA VAL A 81 -13.06 2.69 -3.31
C VAL A 81 -14.47 2.47 -2.78
N LEU A 82 -14.83 1.21 -2.53
CA LEU A 82 -16.14 0.86 -2.02
C LEU A 82 -16.18 0.73 -0.51
N ALA A 83 -15.05 0.35 0.09
CA ALA A 83 -14.97 0.19 1.54
C ALA A 83 -13.52 -0.07 1.91
N HIS A 84 -13.15 0.15 3.17
CA HIS A 84 -11.77 -0.16 3.55
C HIS A 84 -11.75 -0.66 4.98
N ALA A 85 -10.70 -1.40 5.33
CA ALA A 85 -10.64 -1.94 6.66
C ALA A 85 -9.19 -2.00 7.11
N TYR A 86 -9.03 -2.10 8.41
CA TYR A 86 -7.71 -2.10 9.02
C TYR A 86 -7.32 -3.47 9.59
N ALA A 87 -6.05 -3.85 9.48
CA ALA A 87 -5.57 -5.15 10.00
C ALA A 87 -5.77 -5.26 11.51
N PRO A 88 -5.59 -6.47 12.09
CA PRO A 88 -5.76 -6.69 13.54
C PRO A 88 -5.04 -5.76 14.49
N GLY A 89 -5.66 -5.52 15.63
CA GLY A 89 -5.08 -4.64 16.63
C GLY A 89 -6.23 -3.92 17.32
N PRO A 90 -5.91 -3.00 18.23
CA PRO A 90 -6.79 -2.16 19.04
C PRO A 90 -7.34 -0.97 18.25
N GLY A 91 -8.40 -0.34 18.75
CA GLY A 91 -8.77 0.95 18.25
C GLY A 91 -9.34 0.79 16.86
N ILE A 92 -8.83 1.59 15.94
CA ILE A 92 -9.30 1.52 14.57
C ILE A 92 -8.87 0.22 13.88
N ASN A 93 -7.88 -0.47 14.42
CA ASN A 93 -7.44 -1.73 13.81
C ASN A 93 -8.57 -2.75 13.92
N GLY A 94 -8.74 -3.54 12.88
CA GLY A 94 -9.93 -4.37 12.78
C GLY A 94 -11.22 -3.71 12.33
N ASP A 95 -11.27 -2.38 12.26
CA ASP A 95 -12.51 -1.75 11.83
C ASP A 95 -12.72 -1.78 10.32
N ALA A 96 -13.99 -1.77 9.95
CA ALA A 96 -14.38 -1.80 8.54
C ALA A 96 -15.33 -0.66 8.23
N HIS A 97 -14.97 0.15 7.22
CA HIS A 97 -15.76 1.29 6.80
C HIS A 97 -16.30 1.05 5.39
N PHE A 98 -17.53 1.44 5.18
CA PHE A 98 -18.21 1.26 3.90
C PHE A 98 -18.61 2.62 3.31
N ASP A 99 -18.34 2.83 2.02
CA ASP A 99 -18.65 4.11 1.40
C ASP A 99 -20.14 4.23 1.05
N ASP A 100 -20.88 5.06 1.78
CA ASP A 100 -22.28 5.19 1.46
C ASP A 100 -22.56 5.88 0.14
N ASP A 101 -21.53 6.41 -0.52
CA ASP A 101 -21.75 7.02 -1.82
C ASP A 101 -21.93 5.88 -2.83
N GLU A 102 -21.85 4.64 -2.34
CA GLU A 102 -22.11 3.46 -3.18
C GLU A 102 -23.53 3.05 -2.84
N GLN A 103 -24.23 2.43 -3.79
CA GLN A 103 -25.59 1.97 -3.51
C GLN A 103 -25.50 0.54 -3.04
N TRP A 104 -25.56 0.34 -1.73
CA TRP A 104 -25.49 -1.01 -1.15
C TRP A 104 -26.75 -1.84 -1.40
N THR A 105 -26.60 -3.00 -2.04
CA THR A 105 -27.76 -3.85 -2.36
C THR A 105 -27.62 -5.29 -1.92
N LYS A 106 -28.74 -5.99 -1.76
CA LYS A 106 -28.67 -7.39 -1.36
C LYS A 106 -28.40 -8.33 -2.52
N ASP A 107 -28.59 -7.81 -3.74
CA ASP A 107 -28.32 -8.56 -4.95
C ASP A 107 -27.14 -7.90 -5.68
N THR A 108 -27.03 -8.08 -7.00
CA THR A 108 -25.93 -7.48 -7.75
C THR A 108 -26.36 -6.24 -8.53
N THR A 109 -27.47 -5.63 -8.13
CA THR A 109 -27.93 -4.45 -8.85
C THR A 109 -27.27 -3.13 -8.40
N GLY A 110 -26.60 -3.17 -7.25
CA GLY A 110 -25.68 -2.09 -6.91
C GLY A 110 -24.39 -2.70 -6.44
N THR A 111 -23.89 -2.25 -5.28
CA THR A 111 -22.68 -2.87 -4.75
C THR A 111 -23.21 -3.86 -3.75
N ASN A 112 -22.98 -5.14 -3.98
CA ASN A 112 -23.47 -6.16 -3.07
C ASN A 112 -22.78 -6.01 -1.72
N LEU A 113 -23.57 -5.72 -0.69
CA LEU A 113 -23.05 -5.54 0.64
C LEU A 113 -22.30 -6.77 1.17
N PHE A 114 -22.89 -7.95 1.02
CA PHE A 114 -22.31 -9.20 1.50
C PHE A 114 -20.90 -9.50 1.00
N LEU A 115 -20.72 -9.42 -0.32
CA LEU A 115 -19.43 -9.74 -0.93
C LEU A 115 -18.31 -8.80 -0.50
N VAL A 116 -18.60 -7.49 -0.52
CA VAL A 116 -17.62 -6.50 -0.09
C VAL A 116 -17.33 -6.63 1.41
N ALA A 117 -18.36 -6.89 2.21
CA ALA A 117 -18.19 -7.05 3.64
C ALA A 117 -17.32 -8.28 3.93
N ALA A 118 -17.53 -9.35 3.19
CA ALA A 118 -16.73 -10.55 3.35
C ALA A 118 -15.23 -10.23 3.12
N HIS A 119 -14.95 -9.51 2.04
CA HIS A 119 -13.60 -9.08 1.69
C HIS A 119 -13.05 -8.18 2.79
N GLU A 120 -13.85 -7.23 3.25
CA GLU A 120 -13.43 -6.31 4.29
C GLU A 120 -13.01 -6.99 5.60
N ILE A 121 -13.79 -7.97 6.02
CA ILE A 121 -13.52 -8.73 7.24
C ILE A 121 -12.27 -9.60 7.05
N GLY A 122 -12.11 -10.14 5.85
CA GLY A 122 -10.79 -10.58 5.40
C GLY A 122 -9.66 -9.69 5.90
N HIS A 123 -9.75 -8.41 5.54
CA HIS A 123 -8.76 -7.43 5.97
C HIS A 123 -8.75 -7.32 7.50
N SER A 124 -9.94 -7.23 8.10
CA SER A 124 -10.01 -7.13 9.55
C SER A 124 -9.31 -8.27 10.29
N LEU A 125 -9.20 -9.42 9.64
CA LEU A 125 -8.56 -10.58 10.27
C LEU A 125 -7.08 -10.75 9.92
N GLY A 126 -6.56 -9.95 9.01
CA GLY A 126 -5.14 -9.94 8.78
C GLY A 126 -4.77 -10.37 7.37
N LEU A 127 -5.76 -10.46 6.48
CA LEU A 127 -5.49 -10.86 5.12
C LEU A 127 -5.28 -9.61 4.27
N PHE A 128 -4.33 -9.68 3.37
CA PHE A 128 -4.06 -8.53 2.50
C PHE A 128 -4.53 -8.89 1.08
N HIS A 129 -4.36 -8.03 0.08
CA HIS A 129 -4.87 -8.37 -1.26
C HIS A 129 -4.17 -9.56 -1.95
N SER A 130 -4.96 -10.51 -2.44
CA SER A 130 -4.40 -11.67 -3.14
C SER A 130 -4.02 -11.33 -4.58
N ALA A 131 -3.03 -12.04 -5.11
CA ALA A 131 -2.62 -11.83 -6.51
C ALA A 131 -3.48 -12.72 -7.40
N ASN A 132 -4.10 -13.70 -6.75
CA ASN A 132 -4.98 -14.68 -7.41
C ASN A 132 -6.32 -14.04 -7.79
N THR A 133 -6.64 -14.03 -9.07
CA THR A 133 -7.86 -13.41 -9.57
C THR A 133 -9.24 -13.98 -9.18
N GLU A 134 -9.32 -15.19 -8.64
CA GLU A 134 -10.64 -15.71 -8.28
C GLU A 134 -10.85 -15.68 -6.77
N ALA A 135 -9.86 -15.14 -6.07
CA ALA A 135 -9.91 -15.04 -4.63
C ALA A 135 -10.80 -13.91 -4.18
N LEU A 136 -11.51 -14.14 -3.08
CA LEU A 136 -12.34 -13.10 -2.50
C LEU A 136 -11.44 -11.92 -2.15
N MET A 137 -10.20 -12.21 -1.74
CA MET A 137 -9.28 -11.13 -1.39
C MET A 137 -8.65 -10.39 -2.58
N TYR A 138 -9.05 -10.75 -3.80
CA TYR A 138 -8.54 -10.07 -4.99
C TYR A 138 -9.16 -8.68 -4.89
N PRO A 139 -8.36 -7.60 -5.00
CA PRO A 139 -8.97 -6.27 -4.89
C PRO A 139 -9.75 -5.79 -6.10
N LEU A 140 -10.82 -6.49 -6.44
CA LEU A 140 -11.59 -6.07 -7.59
C LEU A 140 -13.03 -6.48 -7.41
N TYR A 141 -13.93 -5.51 -7.43
CA TYR A 141 -15.32 -5.82 -7.30
C TYR A 141 -15.87 -6.21 -8.67
N HIS A 142 -16.22 -7.46 -8.83
CA HIS A 142 -16.81 -7.88 -10.08
C HIS A 142 -18.29 -7.82 -9.84
N SER A 143 -19.04 -7.07 -10.65
CA SER A 143 -20.49 -7.08 -10.43
C SER A 143 -20.86 -8.50 -10.84
N LEU A 144 -20.67 -9.37 -9.88
CA LEU A 144 -20.84 -10.81 -9.94
C LEU A 144 -22.26 -11.33 -9.83
N THR A 145 -23.06 -11.18 -10.88
CA THR A 145 -24.45 -11.66 -10.82
C THR A 145 -24.60 -12.94 -10.01
N ASP A 146 -23.81 -13.97 -10.32
CA ASP A 146 -23.96 -15.20 -9.56
C ASP A 146 -23.44 -15.29 -8.13
N LEU A 147 -24.19 -14.65 -7.25
CA LEU A 147 -23.94 -14.66 -5.82
C LEU A 147 -24.29 -16.08 -5.38
N THR A 148 -25.07 -16.78 -6.20
CA THR A 148 -25.44 -18.15 -5.90
C THR A 148 -24.26 -19.08 -6.14
N ARG A 149 -23.21 -18.59 -6.80
CA ARG A 149 -22.04 -19.42 -7.03
C ARG A 149 -20.86 -19.08 -6.14
N PHE A 150 -20.95 -17.98 -5.39
CA PHE A 150 -19.85 -17.61 -4.51
C PHE A 150 -19.40 -18.74 -3.63
N ARG A 151 -18.09 -18.82 -3.50
CA ARG A 151 -17.44 -19.83 -2.72
C ARG A 151 -16.05 -19.28 -2.42
N LEU A 152 -15.65 -19.34 -1.16
CA LEU A 152 -14.33 -18.84 -0.77
C LEU A 152 -13.32 -19.61 -1.60
N SER A 153 -12.34 -18.94 -2.17
CA SER A 153 -11.33 -19.64 -2.99
C SER A 153 -10.36 -20.39 -2.09
N GLN A 154 -9.68 -21.40 -2.65
CA GLN A 154 -8.72 -22.17 -1.88
C GLN A 154 -7.65 -21.22 -1.37
N ASP A 155 -7.38 -20.16 -2.14
CA ASP A 155 -6.37 -19.17 -1.77
C ASP A 155 -6.75 -18.47 -0.47
N ASP A 156 -8.02 -18.08 -0.39
CA ASP A 156 -8.56 -17.41 0.78
C ASP A 156 -8.50 -18.33 2.00
N ILE A 157 -8.87 -19.59 1.80
CA ILE A 157 -8.82 -20.54 2.91
C ILE A 157 -7.37 -20.78 3.34
N ASN A 158 -6.50 -20.97 2.35
CA ASN A 158 -5.07 -21.17 2.62
C ASN A 158 -4.53 -19.97 3.42
N GLY A 159 -4.82 -18.76 2.95
CA GLY A 159 -4.39 -17.56 3.65
C GLY A 159 -4.91 -17.39 5.07
N ILE A 160 -6.21 -17.56 5.27
CA ILE A 160 -6.76 -17.40 6.63
C ILE A 160 -6.38 -18.54 7.57
N GLN A 161 -6.12 -19.73 7.05
CA GLN A 161 -5.72 -20.82 7.94
C GLN A 161 -4.24 -20.66 8.28
N SER A 162 -3.50 -19.96 7.42
CA SER A 162 -2.08 -19.72 7.68
C SER A 162 -1.94 -18.94 8.98
N LEU A 163 -2.90 -18.06 9.21
CA LEU A 163 -2.88 -17.22 10.40
C LEU A 163 -3.57 -17.85 11.61
N TYR A 164 -4.72 -18.47 11.38
CA TYR A 164 -5.53 -19.05 12.46
C TYR A 164 -5.68 -20.57 12.50
N GLY A 165 -5.13 -21.26 11.50
CA GLY A 165 -5.39 -22.68 11.40
C GLY A 165 -6.79 -23.07 10.91
N PRO A 166 -7.05 -24.38 10.84
CA PRO A 166 -8.33 -24.97 10.42
C PRO A 166 -9.41 -24.99 11.47
N PRO A 167 -10.65 -25.33 11.09
CA PRO A 167 -11.67 -25.35 12.14
C PRO A 167 -11.34 -26.57 13.01
N PRO A 168 -11.76 -26.57 14.28
CA PRO A 168 -11.45 -27.73 15.12
C PRO A 168 -12.17 -29.00 14.69
N ASP A 169 -13.21 -28.85 13.88
CA ASP A 169 -13.96 -30.02 13.43
C ASP A 169 -13.52 -30.40 12.01
N PHE B 1 5.12 -4.67 -11.93
CA PHE B 1 6.29 -4.38 -11.04
C PHE B 1 7.32 -5.51 -11.00
N ARG B 2 8.59 -5.15 -10.90
CA ARG B 2 9.66 -6.14 -10.82
C ARG B 2 10.52 -5.83 -9.58
N THR B 3 11.22 -6.85 -9.06
CA THR B 3 12.11 -6.66 -7.90
C THR B 3 13.51 -6.98 -8.42
N PHE B 4 14.52 -6.91 -7.56
CA PHE B 4 15.85 -7.26 -8.00
C PHE B 4 16.02 -8.78 -7.87
N PRO B 5 16.95 -9.36 -8.64
CA PRO B 5 17.06 -10.81 -8.47
C PRO B 5 17.25 -11.17 -7.00
N GLY B 6 16.50 -12.13 -6.50
CA GLY B 6 16.74 -12.57 -5.14
C GLY B 6 16.00 -11.78 -4.09
N ILE B 7 15.03 -10.96 -4.52
CA ILE B 7 14.22 -10.20 -3.58
C ILE B 7 14.97 -9.46 -2.44
N PRO B 8 16.12 -8.82 -2.75
CA PRO B 8 16.70 -8.15 -1.59
C PRO B 8 15.76 -7.03 -1.10
N LYS B 9 15.67 -6.88 0.21
CA LYS B 9 14.84 -5.84 0.82
C LYS B 9 15.47 -5.45 2.14
N TRP B 10 15.18 -4.25 2.62
CA TRP B 10 15.75 -3.82 3.89
C TRP B 10 15.09 -4.61 5.01
N ARG B 11 15.85 -4.89 6.06
CA ARG B 11 15.30 -5.64 7.17
C ARG B 11 14.77 -4.67 8.22
N LYS B 12 15.43 -3.51 8.34
CA LYS B 12 14.96 -2.48 9.26
C LYS B 12 13.76 -1.84 8.57
N THR B 13 12.88 -1.24 9.34
CA THR B 13 11.70 -0.59 8.76
C THR B 13 11.98 0.90 8.77
N HIS B 14 13.05 1.27 9.45
CA HIS B 14 13.44 2.66 9.49
C HIS B 14 14.85 2.81 8.94
N LEU B 15 14.95 3.66 7.93
CA LEU B 15 16.20 3.89 7.23
C LEU B 15 16.72 5.30 7.37
N THR B 16 18.03 5.43 7.25
CA THR B 16 18.65 6.73 7.35
C THR B 16 19.14 7.12 5.97
N TYR B 17 19.16 8.41 5.70
CA TYR B 17 19.64 8.86 4.41
C TYR B 17 20.52 10.06 4.69
N ARG B 18 21.48 10.30 3.81
CA ARG B 18 22.37 11.44 3.97
C ARG B 18 22.62 12.04 2.60
N ILE B 19 22.48 13.33 2.50
CA ILE B 19 22.71 14.02 1.23
C ILE B 19 24.17 14.49 1.32
N VAL B 20 25.03 13.76 0.63
CA VAL B 20 26.49 13.96 0.62
C VAL B 20 27.05 15.20 -0.07
N ASN B 21 26.45 15.60 -1.17
CA ASN B 21 26.91 16.80 -1.86
C ASN B 21 25.74 17.48 -2.52
N TYR B 22 25.97 18.68 -3.03
CA TYR B 22 24.91 19.45 -3.67
C TYR B 22 25.22 19.84 -5.09
N THR B 23 24.19 19.88 -5.92
CA THR B 23 24.34 20.24 -7.32
C THR B 23 24.37 21.75 -7.51
N PRO B 24 25.13 22.21 -8.51
CA PRO B 24 25.18 23.67 -8.74
C PRO B 24 23.85 24.19 -9.31
N ASP B 25 23.09 23.28 -9.91
CA ASP B 25 21.80 23.60 -10.55
C ASP B 25 20.73 24.22 -9.67
N LEU B 26 20.72 23.85 -8.40
CA LEU B 26 19.65 24.32 -7.53
C LEU B 26 20.12 24.72 -6.15
N PRO B 27 19.34 25.57 -5.48
CA PRO B 27 19.74 25.97 -4.14
C PRO B 27 19.61 24.74 -3.24
N LYS B 28 20.42 24.65 -2.19
CA LYS B 28 20.38 23.50 -1.30
C LYS B 28 19.00 23.11 -0.76
N ASP B 29 18.20 24.09 -0.35
CA ASP B 29 16.88 23.78 0.21
C ASP B 29 15.93 23.09 -0.76
N ALA B 30 16.09 23.38 -2.05
CA ALA B 30 15.25 22.75 -3.06
C ALA B 30 15.74 21.33 -3.25
N VAL B 31 17.04 21.09 -3.10
CA VAL B 31 17.50 19.72 -3.23
C VAL B 31 16.89 18.94 -2.05
N ASP B 32 17.04 19.47 -0.84
CA ASP B 32 16.52 18.80 0.34
C ASP B 32 15.02 18.54 0.27
N SER B 33 14.27 19.50 -0.24
CA SER B 33 12.82 19.34 -0.37
C SER B 33 12.45 18.27 -1.38
N ALA B 34 13.18 18.22 -2.51
CA ALA B 34 12.88 17.20 -3.48
C ALA B 34 13.15 15.81 -2.88
N VAL B 35 14.24 15.65 -2.14
CA VAL B 35 14.55 14.34 -1.54
C VAL B 35 13.51 13.94 -0.48
N GLU B 36 13.12 14.90 0.38
CA GLU B 36 12.13 14.64 1.42
C GLU B 36 10.81 14.17 0.80
N LYS B 37 10.38 14.88 -0.23
CA LYS B 37 9.14 14.56 -0.94
C LYS B 37 9.27 13.21 -1.64
N ALA B 38 10.47 12.88 -2.14
CA ALA B 38 10.71 11.60 -2.81
C ALA B 38 10.63 10.44 -1.81
N LEU B 39 11.09 10.67 -0.59
CA LEU B 39 11.04 9.64 0.42
C LEU B 39 9.60 9.48 0.91
N LYS B 40 8.94 10.61 1.08
CA LYS B 40 7.55 10.69 1.52
C LYS B 40 6.56 9.86 0.65
N VAL B 41 6.75 9.82 -0.68
CA VAL B 41 5.83 9.01 -1.50
C VAL B 41 5.81 7.55 -1.07
N TRP B 42 6.98 7.00 -0.71
CA TRP B 42 7.09 5.61 -0.31
C TRP B 42 6.70 5.42 1.16
N GLU B 43 7.02 6.40 1.99
CA GLU B 43 6.65 6.30 3.40
C GLU B 43 5.13 6.17 3.47
N GLU B 44 4.45 6.96 2.66
CA GLU B 44 2.99 6.97 2.65
C GLU B 44 2.28 5.65 2.37
N VAL B 45 2.98 4.71 1.75
CA VAL B 45 2.37 3.45 1.41
C VAL B 45 3.08 2.18 1.90
N THR B 46 3.94 2.32 2.91
CA THR B 46 4.70 1.20 3.50
C THR B 46 4.91 1.52 4.97
N PRO B 47 5.45 0.56 5.74
CA PRO B 47 5.67 0.88 7.15
C PRO B 47 7.00 1.61 7.32
N LEU B 48 7.64 1.90 6.19
CA LEU B 48 8.92 2.55 6.23
C LEU B 48 8.98 4.03 6.60
N THR B 49 9.97 4.37 7.42
CA THR B 49 10.18 5.78 7.76
C THR B 49 11.65 6.07 7.56
N PHE B 50 11.97 7.35 7.41
CA PHE B 50 13.34 7.76 7.15
C PHE B 50 13.84 8.88 8.03
N SER B 51 15.13 8.87 8.35
CA SER B 51 15.72 9.95 9.12
C SER B 51 17.04 10.39 8.50
N ARG B 52 17.25 11.69 8.48
CA ARG B 52 18.42 12.30 7.91
C ARG B 52 19.68 12.31 8.77
N LEU B 53 20.80 11.99 8.14
CA LEU B 53 22.07 12.00 8.83
C LEU B 53 22.91 13.06 8.16
N TYR B 54 23.76 13.69 8.94
CA TYR B 54 24.58 14.75 8.41
C TYR B 54 26.07 14.42 8.45
N GLU B 55 26.40 13.24 8.96
CA GLU B 55 27.80 12.78 9.09
C GLU B 55 27.74 11.26 9.23
N GLY B 56 28.84 10.57 8.92
CA GLY B 56 28.80 9.12 8.95
C GLY B 56 28.02 8.46 7.81
N GLU B 57 27.84 7.14 7.85
CA GLU B 57 27.14 6.42 6.78
C GLU B 57 25.68 6.15 7.02
N ALA B 58 24.84 6.73 6.18
CA ALA B 58 23.40 6.50 6.27
C ALA B 58 23.14 5.32 5.35
N ASP B 59 22.04 4.60 5.55
CA ASP B 59 21.71 3.49 4.67
C ASP B 59 21.71 3.95 3.21
N ILE B 60 20.97 5.04 2.96
CA ILE B 60 20.84 5.61 1.62
C ILE B 60 21.69 6.90 1.46
N MET B 61 22.88 6.74 0.86
CA MET B 61 23.77 7.87 0.60
C MET B 61 23.36 8.44 -0.76
N ILE B 62 22.98 9.71 -0.73
CA ILE B 62 22.51 10.43 -1.89
C ILE B 62 23.59 11.42 -2.37
N SER B 63 23.97 11.35 -3.65
CA SER B 63 25.00 12.25 -4.18
C SER B 63 24.84 12.59 -5.66
N PHE B 64 25.47 13.69 -6.06
CA PHE B 64 25.47 14.13 -7.43
C PHE B 64 26.87 13.77 -7.86
N ALA B 65 27.02 13.32 -9.09
CA ALA B 65 28.32 12.92 -9.61
C ALA B 65 28.31 13.11 -11.13
N VAL B 66 29.49 13.08 -11.74
CA VAL B 66 29.59 13.20 -13.19
C VAL B 66 30.65 12.23 -13.66
N ARG B 67 30.45 11.64 -14.83
CA ARG B 67 31.44 10.70 -15.37
C ARG B 67 31.92 9.69 -14.29
N GLU B 68 33.20 9.32 -14.27
CA GLU B 68 33.69 8.35 -13.28
C GLU B 68 33.56 8.96 -11.87
N HIS B 69 33.03 8.20 -10.92
CA HIS B 69 32.83 8.75 -9.58
C HIS B 69 33.04 7.77 -8.43
N GLY B 70 33.90 6.78 -8.64
CA GLY B 70 34.27 5.93 -7.52
C GLY B 70 33.40 4.70 -7.40
N ASP B 71 32.62 4.40 -8.43
CA ASP B 71 31.81 3.20 -8.41
C ASP B 71 31.92 2.50 -9.76
N PHE B 72 31.22 1.39 -9.92
CA PHE B 72 31.32 0.62 -11.17
C PHE B 72 30.73 1.18 -12.44
N TYR B 73 29.84 2.14 -12.29
CA TYR B 73 29.13 2.67 -13.44
C TYR B 73 29.28 4.16 -13.62
N PRO B 74 30.29 4.58 -14.43
CA PRO B 74 30.46 6.02 -14.63
C PRO B 74 29.25 6.64 -15.29
N PHE B 75 28.97 7.89 -14.95
CA PHE B 75 27.84 8.52 -15.58
C PHE B 75 28.22 8.83 -17.02
N ASP B 76 27.27 9.29 -17.81
CA ASP B 76 27.54 9.49 -19.23
C ASP B 76 27.43 10.88 -19.86
N GLY B 77 27.62 11.94 -19.11
CA GLY B 77 27.43 13.24 -19.71
C GLY B 77 25.96 13.60 -19.84
N PRO B 78 25.66 14.74 -20.47
CA PRO B 78 24.27 15.20 -20.66
C PRO B 78 23.35 14.18 -21.30
N GLY B 79 22.16 14.02 -20.73
CA GLY B 79 21.17 13.13 -21.31
C GLY B 79 21.43 11.67 -21.04
N ASN B 80 20.66 10.83 -21.74
CA ASN B 80 20.73 9.38 -21.61
C ASN B 80 20.55 9.01 -20.12
N VAL B 81 21.42 8.19 -19.55
CA VAL B 81 21.30 7.85 -18.14
C VAL B 81 21.21 9.13 -17.23
N LEU B 82 20.18 9.21 -16.39
CA LEU B 82 19.97 10.36 -15.50
C LEU B 82 20.42 10.20 -14.04
N ALA B 83 20.37 8.98 -13.55
CA ALA B 83 20.75 8.66 -12.17
C ALA B 83 20.71 7.14 -12.11
N HIS B 84 21.24 6.57 -11.04
CA HIS B 84 21.22 5.12 -10.86
C HIS B 84 21.31 4.87 -9.36
N ALA B 85 20.68 3.80 -8.91
CA ALA B 85 20.68 3.50 -7.48
C ALA B 85 20.91 2.02 -7.24
N TYR B 86 21.22 1.67 -6.01
CA TYR B 86 21.50 0.28 -5.70
C TYR B 86 20.44 -0.41 -4.84
N ALA B 87 20.32 -1.73 -5.00
CA ALA B 87 19.37 -2.51 -4.22
C ALA B 87 19.74 -2.46 -2.75
N PRO B 88 18.76 -2.75 -1.86
CA PRO B 88 18.95 -2.77 -0.40
C PRO B 88 20.17 -3.60 -0.06
N GLY B 89 20.89 -3.21 0.99
CA GLY B 89 22.03 -4.00 1.41
C GLY B 89 23.07 -3.08 2.01
N PRO B 90 24.14 -3.62 2.57
CA PRO B 90 25.14 -2.72 3.17
C PRO B 90 26.07 -1.97 2.20
N GLY B 91 26.81 -1.02 2.76
CA GLY B 91 27.77 -0.26 1.98
C GLY B 91 27.12 0.46 0.80
N ILE B 92 27.66 0.25 -0.39
CA ILE B 92 27.14 0.89 -1.60
C ILE B 92 25.66 0.61 -1.84
N ASN B 93 25.18 -0.55 -1.42
CA ASN B 93 23.77 -0.84 -1.65
C ASN B 93 22.85 0.19 -1.02
N GLY B 94 21.68 0.39 -1.62
CA GLY B 94 20.81 1.45 -1.16
C GLY B 94 21.17 2.88 -1.53
N ASP B 95 22.36 3.09 -2.10
CA ASP B 95 22.76 4.44 -2.47
C ASP B 95 22.13 4.91 -3.78
N ALA B 96 21.99 6.22 -3.92
CA ALA B 96 21.42 6.79 -5.13
C ALA B 96 22.31 7.93 -5.64
N HIS B 97 22.72 7.83 -6.90
CA HIS B 97 23.59 8.83 -7.53
C HIS B 97 22.87 9.54 -8.65
N PHE B 98 23.08 10.85 -8.76
CA PHE B 98 22.42 11.60 -9.81
C PHE B 98 23.46 12.25 -10.72
N ASP B 99 23.23 12.11 -12.02
CA ASP B 99 24.15 12.67 -13.01
C ASP B 99 24.07 14.20 -13.04
N ASP B 100 25.12 14.89 -12.62
CA ASP B 100 25.06 16.34 -12.63
C ASP B 100 25.18 16.99 -14.00
N ASP B 101 25.36 16.18 -15.05
CA ASP B 101 25.41 16.73 -16.39
C ASP B 101 23.99 16.97 -16.89
N GLU B 102 23.03 16.71 -16.03
CA GLU B 102 21.65 16.99 -16.37
C GLU B 102 21.38 18.29 -15.65
N GLN B 103 20.33 18.99 -16.05
CA GLN B 103 19.98 20.23 -15.38
C GLN B 103 18.84 19.87 -14.44
N TRP B 104 19.20 19.72 -13.17
CA TRP B 104 18.27 19.36 -12.13
C TRP B 104 17.38 20.55 -11.82
N THR B 105 16.09 20.30 -11.90
CA THR B 105 15.12 21.36 -11.75
C THR B 105 13.94 21.02 -10.82
N LYS B 106 13.30 22.06 -10.28
CA LYS B 106 12.15 21.94 -9.38
C LYS B 106 10.86 21.72 -10.17
N ASP B 107 10.88 22.13 -11.44
CA ASP B 107 9.73 21.93 -12.33
C ASP B 107 10.14 21.08 -13.53
N THR B 108 9.47 21.27 -14.66
CA THR B 108 9.80 20.48 -15.85
C THR B 108 10.71 21.15 -16.87
N THR B 109 11.28 22.31 -16.53
CA THR B 109 12.18 22.98 -17.45
C THR B 109 13.51 22.23 -17.65
N GLY B 110 13.90 21.41 -16.67
CA GLY B 110 14.98 20.48 -16.89
C GLY B 110 14.63 19.05 -16.48
N THR B 111 15.51 18.36 -15.77
CA THR B 111 15.16 17.03 -15.36
C THR B 111 14.62 17.21 -13.96
N ASN B 112 13.36 16.85 -13.75
CA ASN B 112 12.78 17.04 -12.42
C ASN B 112 13.46 16.18 -11.36
N LEU B 113 14.13 16.83 -10.42
CA LEU B 113 14.83 16.12 -9.38
C LEU B 113 13.90 15.23 -8.53
N PHE B 114 12.74 15.75 -8.15
CA PHE B 114 11.78 14.99 -7.35
C PHE B 114 11.42 13.67 -8.02
N LEU B 115 10.96 13.74 -9.27
CA LEU B 115 10.54 12.56 -10.03
C LEU B 115 11.60 11.48 -10.14
N VAL B 116 12.79 11.87 -10.58
CA VAL B 116 13.84 10.89 -10.75
C VAL B 116 14.31 10.37 -9.39
N ALA B 117 14.25 11.22 -8.36
CA ALA B 117 14.66 10.83 -7.02
C ALA B 117 13.68 9.79 -6.50
N ALA B 118 12.38 10.00 -6.78
CA ALA B 118 11.37 9.04 -6.33
C ALA B 118 11.59 7.65 -6.97
N HIS B 119 11.97 7.62 -8.25
CA HIS B 119 12.25 6.37 -8.97
C HIS B 119 13.51 5.74 -8.42
N GLU B 120 14.53 6.55 -8.14
CA GLU B 120 15.78 6.05 -7.59
C GLU B 120 15.57 5.40 -6.21
N ILE B 121 14.78 6.05 -5.36
CA ILE B 121 14.51 5.53 -4.01
C ILE B 121 13.69 4.25 -4.06
N GLY B 122 12.75 4.20 -4.99
CA GLY B 122 12.24 2.92 -5.47
C GLY B 122 13.26 1.81 -5.60
N HIS B 123 14.36 2.11 -6.28
CA HIS B 123 15.42 1.13 -6.48
C HIS B 123 16.10 0.81 -5.15
N SER B 124 16.35 1.85 -4.35
CA SER B 124 17.01 1.69 -3.05
C SER B 124 16.20 0.83 -2.09
N LEU B 125 14.88 0.84 -2.29
CA LEU B 125 13.97 0.06 -1.45
C LEU B 125 13.67 -1.34 -1.99
N GLY B 126 14.22 -1.68 -3.15
CA GLY B 126 14.07 -3.04 -3.64
C GLY B 126 13.30 -3.23 -4.94
N LEU B 127 12.72 -2.16 -5.47
CA LEU B 127 11.95 -2.28 -6.69
C LEU B 127 12.78 -2.11 -7.94
N PHE B 128 12.54 -2.96 -8.91
CA PHE B 128 13.26 -2.84 -10.15
C PHE B 128 12.35 -2.16 -11.19
N HIS B 129 12.75 -2.16 -12.45
CA HIS B 129 11.97 -1.52 -13.50
C HIS B 129 10.64 -2.17 -13.85
N SER B 130 9.58 -1.39 -13.77
CA SER B 130 8.24 -1.88 -14.10
C SER B 130 8.13 -1.97 -15.61
N ALA B 131 7.40 -2.97 -16.10
CA ALA B 131 7.21 -3.10 -17.53
C ALA B 131 5.91 -2.34 -17.86
N ASN B 132 5.32 -1.75 -16.83
CA ASN B 132 4.07 -1.00 -16.91
C ASN B 132 4.29 0.51 -17.12
N THR B 133 4.04 0.94 -18.35
CA THR B 133 4.21 2.31 -18.82
C THR B 133 3.82 3.50 -17.93
N GLU B 134 2.89 3.33 -17.01
CA GLU B 134 2.52 4.49 -16.18
C GLU B 134 3.06 4.44 -14.76
N ALA B 135 3.84 3.40 -14.48
CA ALA B 135 4.43 3.25 -13.16
C ALA B 135 5.64 4.14 -12.98
N LEU B 136 5.77 4.78 -11.82
CA LEU B 136 6.95 5.61 -11.59
C LEU B 136 8.17 4.76 -11.92
N MET B 137 8.10 3.46 -11.64
CA MET B 137 9.24 2.60 -11.93
C MET B 137 9.44 2.15 -13.40
N TYR B 138 8.67 2.71 -14.33
CA TYR B 138 8.85 2.37 -15.76
C TYR B 138 10.20 3.03 -16.05
N PRO B 139 11.12 2.35 -16.75
CA PRO B 139 12.39 3.06 -16.96
C PRO B 139 12.48 4.10 -18.05
N LEU B 140 11.56 5.05 -18.05
CA LEU B 140 11.63 6.10 -19.05
C LEU B 140 11.21 7.41 -18.39
N TYR B 141 12.01 8.45 -18.55
CA TYR B 141 11.67 9.74 -17.99
C TYR B 141 10.79 10.36 -19.05
N HIS B 142 9.69 11.03 -18.72
CA HIS B 142 8.97 11.57 -19.86
C HIS B 142 8.38 12.97 -19.92
N SER B 143 7.80 13.25 -21.08
CA SER B 143 7.16 14.51 -21.39
C SER B 143 5.94 14.76 -20.50
N LEU B 144 6.18 14.74 -19.19
CA LEU B 144 5.13 14.94 -18.20
C LEU B 144 5.08 16.40 -17.77
N THR B 145 3.88 16.92 -17.56
CA THR B 145 3.73 18.31 -17.12
C THR B 145 3.31 18.39 -15.65
N ASP B 146 2.07 17.99 -15.37
CA ASP B 146 1.49 18.02 -14.02
C ASP B 146 2.13 17.24 -12.86
N LEU B 147 3.05 17.91 -12.17
CA LEU B 147 3.72 17.33 -11.02
C LEU B 147 2.71 17.39 -9.88
N THR B 148 1.82 18.36 -10.02
CA THR B 148 0.76 18.59 -9.07
C THR B 148 -0.10 17.34 -8.96
N ARG B 149 -0.45 16.73 -10.07
CA ARG B 149 -1.28 15.52 -10.01
C ARG B 149 -0.54 14.29 -9.42
N PHE B 150 0.77 14.36 -9.23
CA PHE B 150 1.55 13.20 -8.77
C PHE B 150 1.04 12.20 -7.73
N ARG B 151 0.94 10.94 -8.17
CA ARG B 151 0.54 9.87 -7.27
C ARG B 151 1.17 8.56 -7.76
N LEU B 152 1.68 7.74 -6.84
CA LEU B 152 2.27 6.47 -7.24
C LEU B 152 1.15 5.68 -7.91
N SER B 153 1.47 4.99 -8.99
CA SER B 153 0.47 4.18 -9.70
C SER B 153 0.20 2.95 -8.85
N GLN B 154 -0.88 2.23 -9.12
CA GLN B 154 -1.18 1.03 -8.34
C GLN B 154 -0.05 0.00 -8.48
N ASP B 155 0.53 -0.06 -9.67
CA ASP B 155 1.61 -1.00 -9.88
C ASP B 155 2.82 -0.72 -8.99
N ASP B 156 3.13 0.55 -8.75
CA ASP B 156 4.25 0.89 -7.86
C ASP B 156 3.86 0.51 -6.45
N ILE B 157 2.64 0.82 -6.08
CA ILE B 157 2.11 0.52 -4.75
C ILE B 157 2.15 -0.99 -4.48
N ASN B 158 1.66 -1.78 -5.44
CA ASN B 158 1.64 -3.23 -5.27
C ASN B 158 3.04 -3.85 -5.24
N GLY B 159 3.95 -3.32 -6.06
CA GLY B 159 5.36 -3.60 -5.90
C GLY B 159 5.98 -3.37 -4.53
N ILE B 160 5.95 -2.12 -4.04
CA ILE B 160 6.57 -1.82 -2.75
C ILE B 160 5.86 -2.50 -1.57
N GLN B 161 4.56 -2.74 -1.70
CA GLN B 161 3.83 -3.39 -0.61
C GLN B 161 4.01 -4.91 -0.67
N SER B 162 4.36 -5.43 -1.85
CA SER B 162 4.61 -6.86 -1.97
C SER B 162 5.85 -7.08 -1.10
N LEU B 163 6.75 -6.09 -1.10
CA LEU B 163 7.98 -6.15 -0.31
C LEU B 163 7.83 -5.81 1.17
N TYR B 164 7.23 -4.66 1.48
CA TYR B 164 7.12 -4.24 2.87
C TYR B 164 5.74 -4.32 3.53
N GLY B 165 4.72 -4.65 2.73
CA GLY B 165 3.36 -4.40 3.20
C GLY B 165 3.01 -2.92 3.28
N PRO B 166 1.77 -2.62 3.63
CA PRO B 166 1.25 -1.26 3.76
C PRO B 166 1.53 -0.64 5.13
N PRO B 167 1.22 0.66 5.30
CA PRO B 167 1.45 1.34 6.58
C PRO B 167 0.64 0.55 7.62
N PRO B 168 1.16 0.38 8.85
CA PRO B 168 0.44 -0.37 9.88
C PRO B 168 -0.94 0.17 10.33
N ASP B 169 -1.12 1.47 10.18
CA ASP B 169 -2.38 2.11 10.60
C ASP B 169 -3.25 2.45 9.40
N SER B 170 -2.90 1.86 8.27
CA SER B 170 -3.58 2.18 7.03
C SER B 170 -4.17 1.02 6.24
N PRO B 171 -5.24 1.33 5.46
CA PRO B 171 -5.86 0.27 4.65
C PRO B 171 -4.90 0.07 3.50
N GLU B 172 -5.16 -0.92 2.67
CA GLU B 172 -4.31 -1.20 1.54
C GLU B 172 -4.82 -0.36 0.42
N THR B 173 -3.92 0.47 -0.07
CA THR B 173 -4.24 1.41 -1.11
C THR B 173 -3.66 1.03 -2.47
#